data_2J4Z
#
_entry.id   2J4Z
#
_cell.length_a   71.127
_cell.length_b   89.445
_cell.length_c   94.037
_cell.angle_alpha   90.00
_cell.angle_beta   90.00
_cell.angle_gamma   90.00
#
_symmetry.space_group_name_H-M   'P 21 21 21'
#
loop_
_entity.id
_entity.type
_entity.pdbx_description
1 polymer 'SERINE THREONINE-PROTEIN KINASE 6'
2 non-polymer 4-(4-METHYLPIPERAZIN-1-YL)-N-[5-(2-THIENYLACETYL)-1,5-DIHYDROPYRROLO[3,4-C]PYRAZOL-3-YL]BENZAMIDE
3 non-polymer ARSENIC
4 water water
#
_entity_poly.entity_id   1
_entity_poly.type   'polypeptide(L)'
_entity_poly.pdbx_seq_one_letter_code
;GPQPLPSAPENNPEEELASKQKNEESKKRQWALEDFEIGRPLGKGKFGNVYLAREKQSKFILALKVLFKAQLEKAGVEHQ
LRREVEIQSHLRHPNILRLYGYFHDATRVYLILEYAPLGTVYRELQKLSKFDEQRTATYITELANALSYCHSKRVIHRDI
KPENLLLGSAGELKIADFGWSVHAPSSRRTTLCGTLDYLPPEMIEGRMHDEKVDLWSLGVLCYEFLVGKPPFEANTYQET
YKRISRVEFTFPDFVTEGARDLISRLLKHNPSQRPMLREVLEHPWITANSSKPSNCQNKESASKQS
;
_entity_poly.pdbx_strand_id   A,B
#
# COMPACT_ATOMS: atom_id res chain seq x y z
N ARG A 29 25.07 -29.09 4.41
CA ARG A 29 25.63 -29.12 3.04
C ARG A 29 26.91 -28.27 2.98
N GLN A 30 28.01 -28.88 2.56
CA GLN A 30 29.28 -28.17 2.47
C GLN A 30 29.50 -27.53 1.11
N TRP A 31 29.23 -26.23 1.02
CA TRP A 31 29.40 -25.50 -0.22
C TRP A 31 30.89 -25.31 -0.51
N ALA A 32 31.17 -24.92 -1.74
CA ALA A 32 32.54 -24.67 -2.19
C ALA A 32 32.45 -23.67 -3.33
N LEU A 33 33.53 -22.98 -3.62
CA LEU A 33 33.53 -22.00 -4.70
C LEU A 33 33.11 -22.67 -6.01
N GLU A 34 33.56 -23.91 -6.21
CA GLU A 34 33.26 -24.66 -7.42
C GLU A 34 31.75 -24.85 -7.65
N ASP A 35 30.96 -24.66 -6.60
CA ASP A 35 29.52 -24.81 -6.70
C ASP A 35 28.80 -23.60 -7.27
N PHE A 36 29.53 -22.50 -7.47
CA PHE A 36 28.90 -21.29 -7.99
C PHE A 36 29.62 -20.66 -9.17
N GLU A 37 28.88 -19.88 -9.94
CA GLU A 37 29.43 -19.11 -11.05
C GLU A 37 29.14 -17.68 -10.59
N ILE A 38 30.12 -16.81 -10.74
CA ILE A 38 29.96 -15.44 -10.30
C ILE A 38 29.75 -14.49 -11.48
N GLY A 39 28.84 -13.54 -11.31
CA GLY A 39 28.54 -12.58 -12.35
C GLY A 39 29.01 -11.16 -12.06
N ARG A 40 28.23 -10.18 -12.49
CA ARG A 40 28.58 -8.78 -12.29
C ARG A 40 28.63 -8.34 -10.84
N PRO A 41 29.48 -7.36 -10.53
CA PRO A 41 29.60 -6.86 -9.16
C PRO A 41 28.33 -6.12 -8.77
N LEU A 42 27.89 -6.29 -7.53
CA LEU A 42 26.72 -5.58 -7.04
C LEU A 42 27.25 -4.51 -6.09
N GLY A 43 28.49 -4.69 -5.65
CA GLY A 43 29.07 -3.73 -4.74
C GLY A 43 30.54 -3.96 -4.43
N LYS A 44 31.23 -2.88 -4.09
CA LYS A 44 32.65 -2.94 -3.74
C LYS A 44 32.83 -2.27 -2.39
N GLY A 45 33.46 -2.97 -1.45
CA GLY A 45 33.66 -2.42 -0.12
C GLY A 45 35.09 -2.54 0.37
N LYS A 46 35.32 -2.13 1.61
CA LYS A 46 36.66 -2.17 2.20
C LYS A 46 37.08 -3.59 2.59
N PHE A 47 36.13 -4.39 3.05
CA PHE A 47 36.45 -5.75 3.44
C PHE A 47 36.36 -6.72 2.27
N GLY A 48 35.64 -6.33 1.21
CA GLY A 48 35.51 -7.19 0.06
C GLY A 48 34.49 -6.69 -0.96
N ASN A 49 33.87 -7.63 -1.67
CA ASN A 49 32.90 -7.27 -2.69
C ASN A 49 31.71 -8.23 -2.68
N VAL A 50 30.66 -7.87 -3.42
CA VAL A 50 29.48 -8.71 -3.51
C VAL A 50 29.09 -8.82 -4.97
N TYR A 51 28.80 -10.05 -5.40
CA TYR A 51 28.46 -10.29 -6.81
C TYR A 51 27.18 -11.06 -7.00
N LEU A 52 26.62 -10.95 -8.20
CA LEU A 52 25.45 -11.74 -8.54
C LEU A 52 26.08 -13.11 -8.72
N ALA A 53 25.35 -14.17 -8.41
CA ALA A 53 25.90 -15.51 -8.58
C ALA A 53 24.79 -16.52 -8.79
N ARG A 54 25.13 -17.67 -9.33
CA ARG A 54 24.17 -18.73 -9.58
C ARG A 54 24.74 -20.04 -9.07
N GLU A 55 23.94 -20.81 -8.34
CA GLU A 55 24.40 -22.10 -7.83
C GLU A 55 24.30 -23.11 -8.99
N LYS A 56 25.44 -23.73 -9.30
CA LYS A 56 25.54 -24.71 -10.39
C LYS A 56 24.34 -25.63 -10.62
N GLN A 57 24.01 -26.44 -9.62
CA GLN A 57 22.92 -27.39 -9.70
C GLN A 57 21.51 -26.83 -9.90
N SER A 58 21.00 -26.14 -8.87
CA SER A 58 19.66 -25.58 -8.92
C SER A 58 19.51 -24.42 -9.89
N LYS A 59 20.63 -23.77 -10.22
CA LYS A 59 20.60 -22.64 -11.12
C LYS A 59 19.89 -21.45 -10.44
N PHE A 60 19.83 -21.51 -9.11
CA PHE A 60 19.20 -20.47 -8.30
C PHE A 60 20.08 -19.20 -8.29
N ILE A 61 19.45 -18.03 -8.42
CA ILE A 61 20.19 -16.76 -8.42
C ILE A 61 20.35 -16.25 -6.99
N LEU A 62 21.60 -16.02 -6.61
CA LEU A 62 21.94 -15.54 -5.27
C LEU A 62 22.92 -14.39 -5.37
N ALA A 63 23.42 -13.95 -4.22
CA ALA A 63 24.41 -12.88 -4.13
C ALA A 63 25.55 -13.48 -3.32
N LEU A 64 26.78 -13.32 -3.81
CA LEU A 64 27.93 -13.86 -3.10
C LEU A 64 28.82 -12.74 -2.60
N LYS A 65 28.91 -12.63 -1.28
CA LYS A 65 29.71 -11.61 -0.62
C LYS A 65 31.10 -12.21 -0.37
N VAL A 66 32.13 -11.58 -0.91
CA VAL A 66 33.50 -12.08 -0.75
C VAL A 66 34.33 -11.18 0.14
N LEU A 67 34.78 -11.71 1.27
CA LEU A 67 35.60 -10.95 2.21
C LEU A 67 37.03 -11.48 2.20
N PHE A 68 38.00 -10.59 2.37
CA PHE A 68 39.41 -10.98 2.38
C PHE A 68 39.90 -11.14 3.81
N LYS A 69 40.41 -12.34 4.14
CA LYS A 69 40.91 -12.62 5.47
C LYS A 69 42.00 -11.64 5.89
N ALA A 70 42.73 -11.14 4.90
CA ALA A 70 43.81 -10.18 5.15
C ALA A 70 43.30 -8.93 5.86
N GLN A 71 42.26 -8.33 5.32
CA GLN A 71 41.69 -7.12 5.92
C GLN A 71 41.01 -7.46 7.23
N LEU A 72 40.42 -8.66 7.29
CA LEU A 72 39.74 -9.10 8.50
C LEU A 72 40.71 -9.18 9.68
N GLU A 73 41.84 -9.86 9.49
CA GLU A 73 42.82 -9.99 10.55
C GLU A 73 43.44 -8.63 10.89
N LYS A 74 43.75 -7.86 9.87
CA LYS A 74 44.34 -6.53 10.07
C LYS A 74 43.49 -5.71 11.04
N ALA A 75 42.18 -5.94 11.02
CA ALA A 75 41.27 -5.22 11.91
C ALA A 75 40.93 -6.05 13.13
N GLY A 76 41.58 -7.19 13.28
CA GLY A 76 41.36 -8.08 14.41
C GLY A 76 39.92 -8.53 14.59
N VAL A 77 39.23 -8.76 13.47
CA VAL A 77 37.83 -9.20 13.53
C VAL A 77 37.64 -10.54 12.82
N GLU A 78 38.66 -11.37 12.83
CA GLU A 78 38.59 -12.68 12.17
C GLU A 78 37.61 -13.64 12.84
N HIS A 79 37.72 -13.80 14.16
CA HIS A 79 36.83 -14.68 14.90
C HIS A 79 35.40 -14.13 14.95
N GLN A 80 35.29 -12.80 15.04
CA GLN A 80 33.98 -12.15 15.12
C GLN A 80 33.10 -12.35 13.90
N LEU A 81 33.71 -12.61 12.75
CA LEU A 81 32.95 -12.83 11.52
C LEU A 81 32.13 -14.10 11.64
N ARG A 82 32.77 -15.21 12.00
CA ARG A 82 32.06 -16.49 12.12
C ARG A 82 30.98 -16.46 13.19
N ARG A 83 31.26 -15.76 14.28
CA ARG A 83 30.28 -15.67 15.36
C ARG A 83 29.04 -14.91 14.87
N GLU A 84 29.27 -13.82 14.15
CA GLU A 84 28.18 -13.01 13.63
C GLU A 84 27.41 -13.73 12.53
N VAL A 85 28.12 -14.51 11.71
CA VAL A 85 27.47 -15.25 10.64
C VAL A 85 26.60 -16.36 11.23
N GLU A 86 26.95 -16.79 12.44
CA GLU A 86 26.22 -17.84 13.14
C GLU A 86 24.84 -17.38 13.60
N ILE A 87 24.78 -16.20 14.21
CA ILE A 87 23.51 -15.67 14.68
C ILE A 87 22.63 -15.29 13.49
N GLN A 88 23.23 -14.63 12.49
CA GLN A 88 22.51 -14.22 11.29
C GLN A 88 21.98 -15.44 10.54
N SER A 89 22.79 -16.49 10.51
CA SER A 89 22.46 -17.74 9.84
C SER A 89 21.11 -18.32 10.28
N HIS A 90 20.72 -18.07 11.51
CA HIS A 90 19.45 -18.60 12.03
C HIS A 90 18.29 -17.62 12.05
N LEU A 91 18.48 -16.41 11.55
CA LEU A 91 17.40 -15.43 11.53
C LEU A 91 16.61 -15.63 10.25
N ARG A 92 15.40 -16.15 10.38
CA ARG A 92 14.55 -16.38 9.22
C ARG A 92 13.28 -15.56 9.33
N HIS A 93 13.22 -14.51 8.51
CA HIS A 93 12.08 -13.62 8.51
C HIS A 93 12.00 -13.06 7.09
N PRO A 94 10.77 -12.88 6.57
CA PRO A 94 10.64 -12.36 5.19
C PRO A 94 11.25 -10.97 4.94
N ASN A 95 11.43 -10.17 5.99
CA ASN A 95 12.00 -8.83 5.82
C ASN A 95 13.45 -8.70 6.27
N ILE A 96 14.11 -9.84 6.41
CA ILE A 96 15.51 -9.86 6.79
C ILE A 96 16.20 -10.65 5.66
N LEU A 97 17.17 -10.04 5.00
CA LEU A 97 17.86 -10.72 3.90
C LEU A 97 18.44 -12.02 4.44
N ARG A 98 18.13 -13.13 3.78
CA ARG A 98 18.61 -14.42 4.22
C ARG A 98 20.09 -14.67 3.92
N LEU A 99 20.79 -15.22 4.91
CA LEU A 99 22.20 -15.58 4.76
C LEU A 99 22.13 -17.11 4.75
N TYR A 100 22.22 -17.70 3.57
CA TYR A 100 22.12 -19.15 3.41
C TYR A 100 23.26 -19.96 3.99
N GLY A 101 24.46 -19.74 3.49
CA GLY A 101 25.60 -20.48 3.98
C GLY A 101 26.87 -19.66 3.94
N TYR A 102 27.99 -20.35 4.10
CA TYR A 102 29.28 -19.71 4.08
C TYR A 102 30.37 -20.75 3.96
N PHE A 103 31.46 -20.38 3.32
CA PHE A 103 32.62 -21.24 3.16
C PHE A 103 33.82 -20.32 3.01
N HIS A 104 35.02 -20.88 3.09
CA HIS A 104 36.21 -20.05 2.99
C HIS A 104 37.38 -20.81 2.43
N ASP A 105 38.49 -20.11 2.26
CA ASP A 105 39.71 -20.70 1.76
C ASP A 105 40.88 -19.95 2.38
N ALA A 106 42.08 -20.20 1.88
CA ALA A 106 43.27 -19.56 2.43
C ALA A 106 43.23 -18.04 2.59
N THR A 107 42.57 -17.35 1.68
CA THR A 107 42.54 -15.89 1.76
C THR A 107 41.18 -15.20 1.74
N ARG A 108 40.10 -15.96 1.55
CA ARG A 108 38.77 -15.34 1.50
C ARG A 108 37.65 -16.10 2.20
N VAL A 109 36.66 -15.35 2.65
CA VAL A 109 35.47 -15.90 3.29
C VAL A 109 34.33 -15.57 2.34
N TYR A 110 33.47 -16.54 2.08
CA TYR A 110 32.35 -16.35 1.17
C TYR A 110 31.02 -16.50 1.87
N LEU A 111 30.16 -15.49 1.70
CA LEU A 111 28.83 -15.50 2.30
C LEU A 111 27.81 -15.66 1.19
N ILE A 112 26.96 -16.69 1.31
CA ILE A 112 25.92 -16.94 0.32
C ILE A 112 24.67 -16.23 0.81
N LEU A 113 24.25 -15.23 0.06
CA LEU A 113 23.09 -14.42 0.44
C LEU A 113 21.95 -14.40 -0.56
N GLU A 114 20.75 -14.16 -0.03
CA GLU A 114 19.57 -14.05 -0.85
C GLU A 114 19.80 -12.85 -1.77
N TYR A 115 19.29 -12.92 -2.99
CA TYR A 115 19.43 -11.82 -3.94
C TYR A 115 18.17 -10.96 -3.90
N ALA A 116 18.36 -9.65 -3.72
CA ALA A 116 17.25 -8.68 -3.68
C ALA A 116 17.37 -7.92 -5.01
N PRO A 117 16.52 -8.28 -6.00
CA PRO A 117 16.50 -7.68 -7.33
C PRO A 117 16.19 -6.20 -7.54
N LEU A 118 15.49 -5.55 -6.61
CA LEU A 118 15.15 -4.14 -6.79
C LEU A 118 16.14 -3.16 -6.15
N GLY A 119 17.26 -3.68 -5.66
CA GLY A 119 18.29 -2.83 -5.08
C GLY A 119 18.01 -2.20 -3.73
N THR A 120 18.76 -1.14 -3.44
CA THR A 120 18.65 -0.42 -2.18
C THR A 120 17.49 0.57 -2.08
N VAL A 121 16.96 0.71 -0.88
CA VAL A 121 15.89 1.67 -0.62
C VAL A 121 16.51 3.06 -0.83
N TYR A 122 17.78 3.18 -0.46
CA TYR A 122 18.51 4.45 -0.60
C TYR A 122 18.49 4.99 -2.03
N ARG A 123 18.73 4.11 -3.01
CA ARG A 123 18.72 4.54 -4.40
C ARG A 123 17.31 5.01 -4.80
N GLU A 124 16.29 4.35 -4.27
CA GLU A 124 14.91 4.75 -4.57
C GLU A 124 14.64 6.12 -3.95
N LEU A 125 15.18 6.33 -2.76
CA LEU A 125 15.00 7.60 -2.06
C LEU A 125 15.66 8.75 -2.84
N GLN A 126 16.82 8.49 -3.43
CA GLN A 126 17.52 9.50 -4.21
C GLN A 126 16.77 9.83 -5.48
N LYS A 127 16.17 8.81 -6.08
CA LYS A 127 15.44 8.98 -7.32
C LYS A 127 14.20 9.84 -7.15
N LEU A 128 13.46 9.59 -6.06
CA LEU A 128 12.22 10.31 -5.78
C LEU A 128 12.32 11.50 -4.82
N SER A 129 13.47 11.64 -4.17
CA SER A 129 13.77 12.70 -3.19
C SER A 129 13.14 12.41 -1.81
N LYS A 130 11.97 11.79 -1.80
CA LYS A 130 11.27 11.44 -0.55
C LYS A 130 10.17 10.45 -0.89
N PHE A 131 9.66 9.73 0.11
CA PHE A 131 8.61 8.74 -0.12
C PHE A 131 7.25 9.25 0.36
N ASP A 132 6.18 8.79 -0.30
CA ASP A 132 4.83 9.19 0.12
C ASP A 132 4.51 8.40 1.40
N GLU A 133 3.41 8.75 2.04
CA GLU A 133 3.02 8.12 3.30
C GLU A 133 2.74 6.62 3.27
N GLN A 134 2.14 6.15 2.17
CA GLN A 134 1.80 4.74 2.04
C GLN A 134 3.05 3.88 1.93
N ARG A 135 4.01 4.33 1.14
CA ARG A 135 5.26 3.61 0.96
C ARG A 135 6.04 3.59 2.28
N THR A 136 6.11 4.74 2.93
CA THR A 136 6.83 4.89 4.20
C THR A 136 6.21 4.03 5.31
N ALA A 137 4.91 4.17 5.53
CA ALA A 137 4.25 3.40 6.57
C ALA A 137 4.45 1.91 6.33
N THR A 138 4.47 1.50 5.07
CA THR A 138 4.65 0.10 4.73
C THR A 138 6.05 -0.35 5.14
N TYR A 139 7.08 0.42 4.80
CA TYR A 139 8.44 0.06 5.20
C TYR A 139 8.59 0.02 6.71
N ILE A 140 7.96 0.97 7.40
CA ILE A 140 8.06 1.02 8.87
C ILE A 140 7.43 -0.23 9.48
N THR A 141 6.29 -0.66 8.94
CA THR A 141 5.64 -1.86 9.43
C THR A 141 6.58 -3.06 9.24
N GLU A 142 7.15 -3.18 8.06
CA GLU A 142 8.05 -4.28 7.77
C GLU A 142 9.26 -4.27 8.69
N LEU A 143 9.82 -3.09 8.95
CA LEU A 143 10.99 -2.97 9.80
C LEU A 143 10.60 -3.29 11.26
N ALA A 144 9.47 -2.76 11.70
CA ALA A 144 9.00 -2.99 13.05
C ALA A 144 8.78 -4.49 13.27
N ASN A 145 8.24 -5.17 12.26
CA ASN A 145 8.00 -6.62 12.37
C ASN A 145 9.33 -7.38 12.48
N ALA A 146 10.29 -6.99 11.65
CA ALA A 146 11.60 -7.62 11.65
C ALA A 146 12.31 -7.38 12.97
N LEU A 147 12.27 -6.13 13.44
CA LEU A 147 12.91 -5.76 14.71
C LEU A 147 12.28 -6.56 15.85
N SER A 148 10.95 -6.67 15.84
CA SER A 148 10.25 -7.42 16.87
C SER A 148 10.83 -8.83 16.94
N TYR A 149 10.92 -9.47 15.78
CA TYR A 149 11.47 -10.83 15.67
C TYR A 149 12.89 -10.87 16.22
N CYS A 150 13.73 -9.94 15.80
CA CYS A 150 15.10 -9.90 16.27
C CYS A 150 15.21 -9.70 17.77
N HIS A 151 14.49 -8.72 18.29
CA HIS A 151 14.55 -8.46 19.73
C HIS A 151 14.19 -9.71 20.53
N SER A 152 13.26 -10.50 20.02
CA SER A 152 12.86 -11.72 20.73
C SER A 152 13.98 -12.75 20.71
N LYS A 153 14.90 -12.61 19.76
CA LYS A 153 16.03 -13.52 19.64
C LYS A 153 17.24 -12.86 20.31
N ARG A 154 16.99 -11.76 21.00
CA ARG A 154 18.03 -11.00 21.68
C ARG A 154 19.01 -10.30 20.74
N VAL A 155 18.58 -10.04 19.51
CA VAL A 155 19.41 -9.34 18.54
C VAL A 155 18.96 -7.87 18.56
N ILE A 156 19.86 -6.98 18.98
CA ILE A 156 19.51 -5.56 19.06
C ILE A 156 20.56 -4.60 18.51
N HIS A 157 20.22 -3.32 18.53
CA HIS A 157 21.09 -2.25 18.07
C HIS A 157 21.58 -2.52 16.64
N ARG A 158 20.72 -2.25 15.68
CA ARG A 158 21.05 -2.48 14.27
C ARG A 158 21.23 -1.16 13.54
N ASP A 159 21.97 -1.20 12.44
CA ASP A 159 22.18 0.00 11.63
C ASP A 159 21.13 -0.06 10.52
N ILE A 160 19.98 0.55 10.76
CA ILE A 160 18.89 0.52 9.79
C ILE A 160 18.75 1.74 8.92
N LYS A 161 19.84 2.19 8.31
CA LYS A 161 19.73 3.35 7.45
C LYS A 161 19.31 2.88 6.05
N PRO A 162 18.81 3.80 5.23
CA PRO A 162 18.36 3.47 3.87
C PRO A 162 19.40 2.67 3.06
N GLU A 163 20.68 3.02 3.22
CA GLU A 163 21.75 2.32 2.50
C GLU A 163 21.86 0.83 2.87
N ASN A 164 21.34 0.45 4.02
CA ASN A 164 21.40 -0.95 4.45
C ASN A 164 20.11 -1.73 4.22
N LEU A 165 19.20 -1.14 3.45
CA LEU A 165 17.92 -1.78 3.15
C LEU A 165 17.81 -2.12 1.68
N LEU A 166 17.46 -3.37 1.38
CA LEU A 166 17.30 -3.82 0.01
C LEU A 166 15.82 -4.09 -0.24
N LEU A 167 15.47 -4.33 -1.50
CA LEU A 167 14.08 -4.57 -1.89
C LEU A 167 13.91 -5.87 -2.67
N GLY A 168 12.91 -6.65 -2.28
CA GLY A 168 12.65 -7.92 -2.96
C GLY A 168 11.93 -7.71 -4.27
N SER A 169 11.64 -8.80 -4.98
CA SER A 169 10.96 -8.72 -6.27
C SER A 169 9.58 -8.07 -6.21
N ALA A 170 8.93 -8.15 -5.05
CA ALA A 170 7.61 -7.55 -4.89
C ALA A 170 7.71 -6.19 -4.24
N GLY A 171 8.93 -5.71 -4.06
CA GLY A 171 9.13 -4.42 -3.43
C GLY A 171 9.13 -4.49 -1.92
N GLU A 172 9.23 -5.69 -1.37
CA GLU A 172 9.24 -5.83 0.09
C GLU A 172 10.62 -5.48 0.63
N LEU A 173 10.63 -4.88 1.81
CA LEU A 173 11.88 -4.48 2.46
C LEU A 173 12.68 -5.69 2.93
N LYS A 174 13.99 -5.65 2.73
CA LYS A 174 14.89 -6.72 3.14
C LYS A 174 16.04 -6.08 3.92
N ILE A 175 16.03 -6.24 5.24
CA ILE A 175 17.08 -5.67 6.07
C ILE A 175 18.38 -6.41 5.84
N ALA A 176 19.42 -5.67 5.49
CA ALA A 176 20.72 -6.25 5.22
C ALA A 176 21.80 -5.41 5.91
N ASP A 177 21.73 -5.36 7.23
CA ASP A 177 22.70 -4.59 8.00
C ASP A 177 23.66 -5.53 8.74
N PHE A 178 24.07 -6.59 8.06
CA PHE A 178 24.99 -7.55 8.65
C PHE A 178 26.36 -6.90 8.89
N GLY A 179 26.63 -5.84 8.14
CA GLY A 179 27.90 -5.15 8.28
C GLY A 179 28.98 -5.74 7.41
N TRP A 180 30.24 -5.50 7.78
CA TRP A 180 31.38 -6.00 7.01
C TRP A 180 31.24 -5.46 5.59
N SER A 181 31.43 -4.15 5.49
CA SER A 181 31.32 -3.40 4.24
C SER A 181 31.90 -4.05 2.99
N VAL A 182 31.02 -4.26 2.01
CA VAL A 182 31.39 -4.82 0.72
C VAL A 182 30.68 -3.99 -0.33
N HIS A 183 30.35 -2.76 0.05
CA HIS A 183 29.65 -1.83 -0.83
C HIS A 183 29.75 -0.42 -0.25
N ALA A 184 29.17 0.56 -0.96
CA ALA A 184 29.17 1.94 -0.50
C ALA A 184 27.82 2.18 0.20
N PRO A 185 26.88 2.95 -0.37
CA PRO A 185 26.77 3.73 -1.62
C PRO A 185 26.74 5.23 -1.29
N SER A 186 27.16 5.57 -0.08
CA SER A 186 27.20 6.97 0.36
C SER A 186 28.35 7.26 1.32
N SER A 187 28.58 8.54 1.57
CA SER A 187 29.67 8.99 2.46
C SER A 187 29.11 9.54 3.77
N ARG A 188 28.01 8.98 4.24
CA ARG A 188 27.38 9.41 5.48
C ARG A 188 28.36 9.14 6.63
N ARG A 189 28.48 10.11 7.55
CA ARG A 189 29.39 9.98 8.68
C ARG A 189 29.08 8.83 9.63
N THR A 190 30.07 7.96 9.85
CA THR A 190 29.90 6.84 10.74
C THR A 190 30.93 6.89 11.86
N THR A 191 30.63 6.25 12.98
CA THR A 191 31.52 6.22 14.13
C THR A 191 31.52 4.80 14.68
N LEU A 192 32.38 4.51 15.66
CA LEU A 192 32.42 3.19 16.24
C LEU A 192 31.11 2.88 16.95
N CYS A 193 30.38 3.93 17.30
CA CYS A 193 29.09 3.76 17.99
C CYS A 193 27.93 3.66 17.00
N GLY A 194 28.22 3.90 15.72
CA GLY A 194 27.18 3.82 14.71
C GLY A 194 27.14 5.05 13.80
N THR A 195 26.14 5.08 12.93
CA THR A 195 25.98 6.20 12.01
C THR A 195 25.60 7.44 12.80
N LEU A 196 26.39 8.49 12.67
CA LEU A 196 26.16 9.74 13.40
C LEU A 196 24.72 10.26 13.33
N ASP A 197 24.16 10.35 12.13
CA ASP A 197 22.79 10.86 11.96
C ASP A 197 21.75 10.09 12.79
N TYR A 198 22.02 8.81 13.03
CA TYR A 198 21.11 7.95 13.76
C TYR A 198 21.42 7.72 15.24
N LEU A 199 22.51 8.28 15.74
CA LEU A 199 22.88 8.11 17.14
C LEU A 199 21.85 8.71 18.10
N PRO A 200 21.42 7.94 19.10
CA PRO A 200 20.44 8.40 20.08
C PRO A 200 21.10 9.24 21.18
N PRO A 201 20.31 10.05 21.90
CA PRO A 201 20.82 10.90 22.97
C PRO A 201 21.68 10.15 24.00
N GLU A 202 21.25 8.96 24.39
CA GLU A 202 21.99 8.18 25.37
C GLU A 202 23.42 7.87 24.95
N MET A 203 23.64 7.62 23.67
CA MET A 203 24.98 7.33 23.19
C MET A 203 25.83 8.59 23.07
N ILE A 204 25.17 9.73 22.84
CA ILE A 204 25.88 10.99 22.71
C ILE A 204 26.23 11.57 24.08
N GLU A 205 25.37 11.31 25.06
CA GLU A 205 25.57 11.83 26.40
C GLU A 205 26.40 10.94 27.32
N GLY A 206 26.92 9.84 26.78
CA GLY A 206 27.75 8.96 27.56
C GLY A 206 27.08 7.95 28.47
N ARG A 207 25.84 7.56 28.16
CA ARG A 207 25.13 6.58 28.97
C ARG A 207 25.08 5.24 28.23
N MET A 208 24.98 4.16 28.98
CA MET A 208 24.90 2.83 28.37
C MET A 208 23.50 2.66 27.78
N HIS A 209 23.43 1.95 26.66
CA HIS A 209 22.16 1.77 25.94
C HIS A 209 21.56 0.37 26.00
N ASP A 210 20.36 0.25 25.43
CA ASP A 210 19.64 -1.02 25.37
C ASP A 210 18.85 -1.07 24.05
N GLU A 211 17.97 -2.05 23.90
CA GLU A 211 17.21 -2.21 22.66
C GLU A 211 16.32 -1.03 22.26
N LYS A 212 16.12 -0.08 23.18
CA LYS A 212 15.30 1.08 22.88
C LYS A 212 15.99 2.00 21.87
N VAL A 213 17.27 1.76 21.64
CA VAL A 213 17.98 2.56 20.64
C VAL A 213 17.37 2.29 19.26
N ASP A 214 16.85 1.08 19.06
CA ASP A 214 16.27 0.72 17.77
C ASP A 214 14.98 1.51 17.47
N LEU A 215 14.25 1.90 18.51
CA LEU A 215 13.04 2.69 18.32
C LEU A 215 13.43 4.10 17.88
N TRP A 216 14.49 4.62 18.45
CA TRP A 216 14.97 5.94 18.07
C TRP A 216 15.39 5.89 16.60
N SER A 217 16.13 4.85 16.23
CA SER A 217 16.57 4.69 14.85
C SER A 217 15.38 4.65 13.91
N LEU A 218 14.32 3.96 14.33
CA LEU A 218 13.11 3.86 13.53
C LEU A 218 12.50 5.25 13.32
N GLY A 219 12.59 6.10 14.33
CA GLY A 219 12.07 7.46 14.22
C GLY A 219 12.87 8.29 13.23
N VAL A 220 14.19 8.18 13.30
CA VAL A 220 15.07 8.90 12.38
C VAL A 220 14.83 8.40 10.96
N LEU A 221 14.72 7.09 10.80
CA LEU A 221 14.49 6.47 9.48
C LEU A 221 13.16 6.94 8.89
N CYS A 222 12.10 6.93 9.70
CA CYS A 222 10.80 7.34 9.20
C CYS A 222 10.87 8.79 8.73
N TYR A 223 11.55 9.62 9.51
CA TYR A 223 11.71 11.03 9.15
C TYR A 223 12.45 11.16 7.82
N GLU A 224 13.56 10.44 7.68
CA GLU A 224 14.34 10.52 6.44
C GLU A 224 13.51 10.05 5.23
N PHE A 225 12.67 9.04 5.43
CA PHE A 225 11.83 8.54 4.34
C PHE A 225 10.86 9.61 3.86
N LEU A 226 10.22 10.28 4.80
CA LEU A 226 9.23 11.30 4.48
C LEU A 226 9.80 12.65 4.06
N VAL A 227 10.98 12.98 4.57
CA VAL A 227 11.60 14.27 4.31
C VAL A 227 12.76 14.23 3.33
N GLY A 228 13.46 13.11 3.25
CA GLY A 228 14.58 13.01 2.33
C GLY A 228 15.93 13.29 2.97
N LYS A 229 15.93 13.75 4.22
CA LYS A 229 17.15 14.04 4.95
C LYS A 229 16.97 13.73 6.45
N PRO A 230 18.07 13.52 7.18
CA PRO A 230 18.06 13.22 8.62
C PRO A 230 17.55 14.42 9.42
N PRO A 231 16.82 14.18 10.52
CA PRO A 231 16.29 15.29 11.32
C PRO A 231 17.28 16.16 12.10
N PHE A 232 18.48 15.65 12.38
CA PHE A 232 19.44 16.42 13.16
C PHE A 232 20.62 16.99 12.37
N GLU A 233 20.45 17.12 11.07
CA GLU A 233 21.48 17.67 10.20
C GLU A 233 21.84 19.08 10.68
N ALA A 234 23.14 19.41 10.63
CA ALA A 234 23.62 20.73 11.06
C ALA A 234 24.89 21.10 10.29
N ASN A 235 25.35 22.34 10.45
CA ASN A 235 26.55 22.80 9.75
C ASN A 235 27.80 22.05 10.17
N THR A 236 27.80 21.52 11.39
CA THR A 236 28.95 20.79 11.89
C THR A 236 28.45 19.56 12.65
N TYR A 237 29.32 18.57 12.78
CA TYR A 237 28.96 17.36 13.50
C TYR A 237 28.78 17.71 14.98
N GLN A 238 29.58 18.66 15.44
CA GLN A 238 29.50 19.10 16.84
C GLN A 238 28.10 19.60 17.13
N GLU A 239 27.55 20.40 16.22
CA GLU A 239 26.21 20.93 16.38
C GLU A 239 25.17 19.83 16.24
N THR A 240 25.46 18.81 15.45
CA THR A 240 24.50 17.72 15.30
C THR A 240 24.37 16.99 16.63
N TYR A 241 25.50 16.75 17.29
CA TYR A 241 25.53 16.09 18.59
C TYR A 241 24.63 16.84 19.56
N LYS A 242 24.78 18.17 19.57
CA LYS A 242 24.01 19.03 20.45
C LYS A 242 22.51 18.97 20.16
N ARG A 243 22.13 19.00 18.89
CA ARG A 243 20.72 18.95 18.54
C ARG A 243 20.08 17.61 18.90
N ILE A 244 20.86 16.53 18.81
CA ILE A 244 20.34 15.21 19.17
C ILE A 244 20.10 15.22 20.69
N SER A 245 21.06 15.74 21.45
CA SER A 245 20.92 15.80 22.89
C SER A 245 19.70 16.60 23.32
N ARG A 246 19.41 17.68 22.60
CA ARG A 246 18.25 18.52 22.91
C ARG A 246 16.99 18.05 22.19
N VAL A 247 17.11 16.97 21.42
CA VAL A 247 16.00 16.44 20.62
C VAL A 247 15.37 17.62 19.89
N GLU A 248 16.23 18.38 19.24
CA GLU A 248 15.85 19.58 18.51
C GLU A 248 15.73 19.27 17.03
N PHE A 249 14.50 19.06 16.57
CA PHE A 249 14.22 18.79 15.18
C PHE A 249 12.85 19.34 14.84
N THR A 250 12.63 19.64 13.57
CA THR A 250 11.36 20.17 13.11
C THR A 250 10.97 19.49 11.80
N PHE A 251 9.69 19.60 11.45
CA PHE A 251 9.15 19.00 10.23
C PHE A 251 8.83 20.03 9.18
N PRO A 252 8.80 19.60 7.90
CA PRO A 252 8.47 20.47 6.77
C PRO A 252 6.95 20.55 6.83
N ASP A 253 6.36 21.61 6.31
CA ASP A 253 4.91 21.74 6.35
C ASP A 253 4.13 20.56 5.78
N PHE A 254 4.69 19.87 4.79
CA PHE A 254 3.96 18.75 4.18
C PHE A 254 3.79 17.45 4.98
N VAL A 255 4.56 17.26 6.05
CA VAL A 255 4.40 16.03 6.84
C VAL A 255 3.09 16.14 7.62
N THR A 256 2.28 15.09 7.59
CA THR A 256 0.97 15.10 8.25
C THR A 256 1.03 14.91 9.77
N GLU A 257 -0.07 15.26 10.43
CA GLU A 257 -0.13 15.16 11.89
C GLU A 257 0.07 13.73 12.38
N GLY A 258 -0.40 12.75 11.62
CA GLY A 258 -0.24 11.37 12.01
C GLY A 258 1.22 10.96 12.03
N ALA A 259 1.96 11.37 11.00
CA ALA A 259 3.38 11.05 10.91
C ALA A 259 4.15 11.78 12.01
N ARG A 260 3.78 13.03 12.24
CA ARG A 260 4.44 13.82 13.27
C ARG A 260 4.29 13.20 14.66
N ASP A 261 3.12 12.63 14.94
CA ASP A 261 2.89 12.03 16.24
C ASP A 261 3.76 10.80 16.47
N LEU A 262 3.85 9.93 15.47
CA LEU A 262 4.65 8.71 15.59
C LEU A 262 6.13 9.04 15.74
N ILE A 263 6.63 9.92 14.89
CA ILE A 263 8.03 10.29 14.93
C ILE A 263 8.39 11.01 16.23
N SER A 264 7.51 11.92 16.68
CA SER A 264 7.77 12.63 17.92
C SER A 264 7.83 11.64 19.08
N ARG A 265 7.02 10.60 19.01
CA ARG A 265 7.03 9.58 20.07
C ARG A 265 8.30 8.76 20.03
N LEU A 266 8.72 8.39 18.83
CA LEU A 266 9.93 7.59 18.67
C LEU A 266 11.18 8.34 19.04
N LEU A 267 11.19 9.65 18.80
CA LEU A 267 12.36 10.47 19.11
C LEU A 267 12.30 11.12 20.50
N LYS A 268 11.85 10.37 21.50
CA LYS A 268 11.81 10.89 22.86
C LYS A 268 13.20 10.71 23.45
N HIS A 269 13.64 11.68 24.26
CA HIS A 269 14.94 11.64 24.88
C HIS A 269 15.06 10.46 25.86
N ASN A 270 14.01 10.20 26.64
CA ASN A 270 14.02 9.10 27.59
C ASN A 270 13.75 7.79 26.83
N PRO A 271 14.74 6.90 26.73
CA PRO A 271 14.61 5.62 26.03
C PRO A 271 13.39 4.80 26.42
N SER A 272 13.10 4.73 27.72
CA SER A 272 11.97 3.96 28.23
C SER A 272 10.61 4.52 27.82
N GLN A 273 10.56 5.78 27.42
CA GLN A 273 9.27 6.36 27.02
C GLN A 273 8.98 6.25 25.53
N ARG A 274 9.94 5.70 24.77
CA ARG A 274 9.72 5.51 23.34
C ARG A 274 8.73 4.34 23.27
N PRO A 275 7.79 4.37 22.32
CA PRO A 275 6.80 3.29 22.21
C PRO A 275 7.33 1.88 21.99
N MET A 276 6.55 0.88 22.39
CA MET A 276 6.94 -0.50 22.18
C MET A 276 6.73 -0.76 20.68
N LEU A 277 7.41 -1.76 20.12
CA LEU A 277 7.22 -2.05 18.70
C LEU A 277 5.77 -2.41 18.41
N ARG A 278 5.10 -3.06 19.37
CA ARG A 278 3.70 -3.43 19.19
C ARG A 278 2.85 -2.17 19.01
N GLU A 279 3.20 -1.13 19.77
CA GLU A 279 2.47 0.13 19.72
C GLU A 279 2.74 0.87 18.41
N VAL A 280 3.91 0.65 17.82
CA VAL A 280 4.25 1.27 16.54
C VAL A 280 3.38 0.60 15.46
N LEU A 281 3.37 -0.72 15.49
CA LEU A 281 2.61 -1.52 14.54
C LEU A 281 1.11 -1.21 14.60
N GLU A 282 0.64 -0.76 15.75
CA GLU A 282 -0.79 -0.44 15.93
C GLU A 282 -1.10 1.06 15.91
N HIS A 283 -0.09 1.87 15.64
CA HIS A 283 -0.30 3.31 15.59
C HIS A 283 -1.29 3.64 14.46
N PRO A 284 -2.23 4.56 14.72
CA PRO A 284 -3.26 4.97 13.75
C PRO A 284 -2.71 5.37 12.38
N TRP A 285 -1.59 6.09 12.36
CA TRP A 285 -1.00 6.50 11.09
C TRP A 285 -0.48 5.29 10.32
N ILE A 286 0.10 4.33 11.04
CA ILE A 286 0.63 3.12 10.44
C ILE A 286 -0.48 2.23 9.88
N THR A 287 -1.48 1.94 10.70
CA THR A 287 -2.57 1.08 10.26
C THR A 287 -3.38 1.70 9.14
N ALA A 288 -3.39 3.01 9.06
CA ALA A 288 -4.15 3.68 8.02
C ALA A 288 -3.39 3.79 6.69
N ASN A 289 -2.07 3.76 6.75
CA ASN A 289 -1.29 3.91 5.52
C ASN A 289 -0.46 2.71 5.06
N SER A 290 -0.26 1.75 5.94
CA SER A 290 0.55 0.57 5.62
C SER A 290 -0.16 -0.52 4.83
N SER A 291 0.50 -1.01 3.78
CA SER A 291 -0.08 -2.06 2.95
C SER A 291 0.34 -3.42 3.51
N LYS A 292 0.78 -3.46 4.68
N ARG B 29 -31.68 30.94 -3.06
CA ARG B 29 -32.44 30.56 -1.83
C ARG B 29 -32.13 29.12 -1.45
N GLN B 30 -32.59 28.70 -0.27
CA GLN B 30 -32.36 27.35 0.22
C GLN B 30 -30.88 27.05 0.50
N TRP B 31 -30.08 26.85 -0.55
CA TRP B 31 -28.66 26.55 -0.35
C TRP B 31 -27.72 27.59 -0.96
N ALA B 32 -26.63 27.86 -0.25
CA ALA B 32 -25.64 28.83 -0.69
C ALA B 32 -24.26 28.43 -0.17
N LEU B 33 -23.22 28.73 -0.94
CA LEU B 33 -21.84 28.39 -0.57
C LEU B 33 -21.51 28.93 0.82
N GLU B 34 -22.20 30.00 1.23
CA GLU B 34 -21.98 30.63 2.52
C GLU B 34 -22.41 29.72 3.67
N ASP B 35 -23.38 28.86 3.40
CA ASP B 35 -23.91 27.96 4.41
C ASP B 35 -22.90 26.89 4.82
N PHE B 36 -21.81 26.78 4.08
CA PHE B 36 -20.81 25.76 4.40
C PHE B 36 -19.42 26.28 4.71
N GLU B 37 -18.73 25.52 5.55
CA GLU B 37 -17.37 25.81 5.95
C GLU B 37 -16.55 24.72 5.27
N ILE B 38 -15.83 25.09 4.21
CA ILE B 38 -15.03 24.14 3.46
C ILE B 38 -13.73 23.75 4.14
N GLY B 39 -13.39 22.47 4.05
CA GLY B 39 -12.17 21.96 4.65
C GLY B 39 -11.21 21.44 3.60
N ARG B 40 -10.40 20.46 3.96
CA ARG B 40 -9.43 19.91 3.02
C ARG B 40 -10.09 19.19 1.85
N PRO B 41 -9.39 19.10 0.72
CA PRO B 41 -9.94 18.43 -0.46
C PRO B 41 -10.02 16.94 -0.18
N LEU B 42 -10.82 16.23 -0.95
CA LEU B 42 -10.96 14.78 -0.79
C LEU B 42 -10.65 14.18 -2.14
N GLY B 43 -10.56 15.04 -3.14
CA GLY B 43 -10.27 14.60 -4.49
C GLY B 43 -10.23 15.75 -5.47
N LYS B 44 -9.37 15.62 -6.48
CA LYS B 44 -9.23 16.62 -7.52
C LYS B 44 -9.53 15.87 -8.81
N GLY B 45 -10.48 16.37 -9.60
CA GLY B 45 -10.82 15.68 -10.83
C GLY B 45 -10.78 16.54 -12.08
N LYS B 46 -11.05 15.91 -13.21
CA LYS B 46 -11.05 16.59 -14.50
C LYS B 46 -12.21 17.58 -14.62
N PHE B 47 -13.30 17.34 -13.90
CA PHE B 47 -14.45 18.22 -13.97
C PHE B 47 -14.71 19.00 -12.69
N GLY B 48 -13.82 18.87 -11.72
CA GLY B 48 -14.00 19.59 -10.47
C GLY B 48 -13.30 18.95 -9.30
N ASN B 49 -13.66 19.38 -8.10
CA ASN B 49 -13.07 18.84 -6.89
C ASN B 49 -14.17 18.53 -5.90
N VAL B 50 -13.80 17.87 -4.81
CA VAL B 50 -14.75 17.52 -3.77
C VAL B 50 -14.02 17.80 -2.47
N TYR B 51 -14.70 18.50 -1.56
CA TYR B 51 -14.09 18.86 -0.28
C TYR B 51 -14.85 18.36 0.93
N LEU B 52 -14.13 18.22 2.02
CA LEU B 52 -14.75 17.83 3.28
C LEU B 52 -15.31 19.16 3.75
N ALA B 53 -16.57 19.18 4.16
CA ALA B 53 -17.16 20.43 4.61
C ALA B 53 -18.15 20.18 5.73
N ARG B 54 -18.56 21.27 6.38
CA ARG B 54 -19.50 21.20 7.48
C ARG B 54 -20.50 22.33 7.36
N GLU B 55 -21.78 22.01 7.55
CA GLU B 55 -22.81 23.03 7.47
C GLU B 55 -22.66 23.91 8.71
N LYS B 56 -22.46 25.21 8.49
CA LYS B 56 -22.29 26.17 9.57
C LYS B 56 -23.34 26.07 10.66
N GLN B 57 -24.57 25.76 10.27
CA GLN B 57 -25.66 25.63 11.24
C GLN B 57 -25.58 24.33 12.05
N SER B 58 -26.17 23.28 11.50
CA SER B 58 -26.21 21.97 12.14
C SER B 58 -24.84 21.36 12.46
N LYS B 59 -23.78 21.94 11.91
CA LYS B 59 -22.42 21.43 12.14
C LYS B 59 -22.28 20.01 11.57
N PHE B 60 -23.15 19.68 10.63
CA PHE B 60 -23.17 18.38 9.98
C PHE B 60 -22.03 18.22 8.99
N ILE B 61 -21.20 17.19 9.17
CA ILE B 61 -20.08 16.95 8.28
C ILE B 61 -20.56 16.33 6.98
N LEU B 62 -19.98 16.75 5.86
CA LEU B 62 -20.39 16.23 4.56
C LEU B 62 -19.32 16.50 3.51
N ALA B 63 -19.56 16.01 2.30
CA ALA B 63 -18.63 16.22 1.21
C ALA B 63 -19.31 17.17 0.21
N LEU B 64 -18.59 18.21 -0.20
CA LEU B 64 -19.13 19.16 -1.16
C LEU B 64 -18.42 18.95 -2.49
N LYS B 65 -19.14 18.42 -3.47
CA LYS B 65 -18.60 18.19 -4.79
C LYS B 65 -18.81 19.45 -5.63
N VAL B 66 -17.74 19.97 -6.22
CA VAL B 66 -17.81 21.18 -7.02
C VAL B 66 -17.41 20.91 -8.46
N LEU B 67 -18.36 21.10 -9.37
CA LEU B 67 -18.14 20.90 -10.80
C LEU B 67 -17.99 22.25 -11.50
N PHE B 68 -17.10 22.32 -12.47
CA PHE B 68 -16.87 23.55 -13.21
C PHE B 68 -17.72 23.55 -14.48
N LYS B 69 -18.72 24.43 -14.51
CA LYS B 69 -19.62 24.55 -15.65
C LYS B 69 -18.86 24.69 -16.97
N ALA B 70 -17.71 25.35 -16.93
CA ALA B 70 -16.90 25.55 -18.12
C ALA B 70 -16.39 24.23 -18.67
N GLN B 71 -15.81 23.40 -17.80
CA GLN B 71 -15.28 22.10 -18.21
C GLN B 71 -16.39 21.19 -18.74
N LEU B 72 -17.58 21.36 -18.19
CA LEU B 72 -18.73 20.55 -18.58
C LEU B 72 -19.28 20.94 -19.96
N GLU B 73 -19.56 22.22 -20.14
CA GLU B 73 -20.10 22.73 -21.40
C GLU B 73 -19.11 22.57 -22.55
N LYS B 74 -17.83 22.78 -22.27
CA LYS B 74 -16.79 22.66 -23.28
C LYS B 74 -16.63 21.19 -23.68
N ALA B 75 -16.92 20.29 -22.75
CA ALA B 75 -16.80 18.86 -23.01
C ALA B 75 -18.00 18.36 -23.81
N GLY B 76 -19.03 19.19 -23.91
CA GLY B 76 -20.21 18.82 -24.67
C GLY B 76 -21.41 18.41 -23.83
N VAL B 77 -21.24 18.44 -22.52
CA VAL B 77 -22.34 18.06 -21.62
C VAL B 77 -23.57 18.94 -21.83
N GLU B 78 -24.73 18.29 -21.93
CA GLU B 78 -25.99 18.98 -22.15
C GLU B 78 -26.93 18.92 -20.95
N HIS B 79 -27.79 17.91 -20.95
CA HIS B 79 -28.79 17.69 -19.90
C HIS B 79 -28.40 16.58 -18.94
N GLN B 80 -27.36 15.82 -19.29
CA GLN B 80 -26.94 14.70 -18.46
C GLN B 80 -26.71 15.00 -16.98
N LEU B 81 -26.18 16.19 -16.66
CA LEU B 81 -25.92 16.53 -15.27
C LEU B 81 -27.21 16.69 -14.46
N ARG B 82 -28.14 17.46 -15.01
CA ARG B 82 -29.42 17.70 -14.36
C ARG B 82 -30.19 16.38 -14.16
N ARG B 83 -30.06 15.46 -15.11
CA ARG B 83 -30.74 14.17 -15.01
C ARG B 83 -30.07 13.32 -13.94
N GLU B 84 -28.75 13.29 -13.97
CA GLU B 84 -27.96 12.53 -12.99
C GLU B 84 -28.28 12.93 -11.55
N VAL B 85 -28.36 14.24 -11.31
CA VAL B 85 -28.65 14.73 -9.98
C VAL B 85 -30.06 14.40 -9.52
N GLU B 86 -31.04 14.52 -10.43
CA GLU B 86 -32.41 14.23 -10.05
C GLU B 86 -32.54 12.74 -9.70
N ILE B 87 -31.80 11.89 -10.40
CA ILE B 87 -31.84 10.46 -10.13
C ILE B 87 -31.22 10.15 -8.75
N GLN B 88 -29.95 10.49 -8.58
CA GLN B 88 -29.24 10.22 -7.33
C GLN B 88 -29.97 10.86 -6.14
N SER B 89 -30.67 11.95 -6.42
CA SER B 89 -31.40 12.67 -5.39
C SER B 89 -32.47 11.81 -4.70
N HIS B 90 -33.27 11.11 -5.50
CA HIS B 90 -34.35 10.29 -4.99
C HIS B 90 -33.97 8.91 -4.45
N LEU B 91 -32.76 8.44 -4.73
CA LEU B 91 -32.32 7.14 -4.23
C LEU B 91 -31.95 7.23 -2.76
N ARG B 92 -32.56 6.37 -1.95
CA ARG B 92 -32.28 6.32 -0.52
C ARG B 92 -32.04 4.88 -0.10
N HIS B 93 -30.77 4.54 0.09
CA HIS B 93 -30.38 3.20 0.48
C HIS B 93 -29.12 3.33 1.32
N PRO B 94 -29.00 2.52 2.38
CA PRO B 94 -27.81 2.58 3.26
C PRO B 94 -26.49 2.33 2.56
N ASN B 95 -26.52 1.68 1.41
CA ASN B 95 -25.28 1.39 0.71
C ASN B 95 -25.07 2.19 -0.57
N ILE B 96 -25.79 3.30 -0.69
CA ILE B 96 -25.64 4.19 -1.84
C ILE B 96 -25.33 5.57 -1.28
N LEU B 97 -24.21 6.15 -1.69
CA LEU B 97 -23.84 7.48 -1.19
C LEU B 97 -24.98 8.44 -1.46
N ARG B 98 -25.49 9.03 -0.37
CA ARG B 98 -26.60 9.95 -0.42
C ARG B 98 -26.24 11.33 -0.98
N LEU B 99 -27.19 11.89 -1.73
CA LEU B 99 -27.06 13.23 -2.28
C LEU B 99 -28.16 13.98 -1.55
N TYR B 100 -27.77 14.80 -0.59
CA TYR B 100 -28.73 15.55 0.23
C TYR B 100 -29.33 16.77 -0.48
N GLY B 101 -28.52 17.43 -1.31
CA GLY B 101 -29.00 18.59 -2.01
C GLY B 101 -28.01 19.10 -3.02
N TYR B 102 -28.35 20.23 -3.64
CA TYR B 102 -27.49 20.83 -4.65
C TYR B 102 -27.83 22.30 -4.82
N PHE B 103 -26.93 23.04 -5.46
CA PHE B 103 -27.11 24.45 -5.72
C PHE B 103 -26.01 24.88 -6.66
N HIS B 104 -26.11 26.09 -7.22
CA HIS B 104 -25.09 26.56 -8.14
C HIS B 104 -25.02 28.07 -8.27
N ASP B 105 -23.92 28.53 -8.82
CA ASP B 105 -23.69 29.95 -9.05
C ASP B 105 -23.29 30.09 -10.51
N ALA B 106 -22.89 31.29 -10.91
CA ALA B 106 -22.53 31.53 -12.31
C ALA B 106 -21.34 30.70 -12.80
N THR B 107 -20.46 30.29 -11.89
CA THR B 107 -19.27 29.53 -12.28
C THR B 107 -19.32 28.01 -12.09
N ARG B 108 -20.11 27.53 -11.14
CA ARG B 108 -20.14 26.10 -10.91
C ARG B 108 -21.37 25.52 -10.22
N VAL B 109 -21.41 24.19 -10.17
CA VAL B 109 -22.50 23.45 -9.55
C VAL B 109 -21.98 22.76 -8.29
N TYR B 110 -22.78 22.80 -7.23
CA TYR B 110 -22.38 22.20 -5.96
C TYR B 110 -23.33 21.07 -5.57
N LEU B 111 -22.77 19.92 -5.25
CA LEU B 111 -23.57 18.78 -4.82
C LEU B 111 -23.25 18.47 -3.37
N ILE B 112 -24.29 18.49 -2.53
CA ILE B 112 -24.13 18.21 -1.12
C ILE B 112 -24.22 16.69 -0.95
N LEU B 113 -23.08 16.07 -0.70
CA LEU B 113 -23.02 14.62 -0.57
C LEU B 113 -22.68 14.11 0.83
N GLU B 114 -23.12 12.89 1.09
CA GLU B 114 -22.85 12.23 2.35
C GLU B 114 -21.34 12.01 2.40
N TYR B 115 -20.76 12.13 3.60
CA TYR B 115 -19.32 11.94 3.75
C TYR B 115 -19.03 10.51 4.20
N ALA B 116 -18.15 9.83 3.47
CA ALA B 116 -17.77 8.45 3.78
C ALA B 116 -16.36 8.53 4.38
N PRO B 117 -16.26 8.47 5.72
CA PRO B 117 -15.02 8.54 6.50
C PRO B 117 -13.86 7.61 6.15
N LEU B 118 -14.14 6.36 5.84
CA LEU B 118 -13.07 5.39 5.58
C LEU B 118 -12.44 5.32 4.19
N GLY B 119 -12.81 6.23 3.30
CA GLY B 119 -12.21 6.21 1.98
C GLY B 119 -12.76 5.16 1.03
N THR B 120 -12.01 4.89 -0.03
CA THR B 120 -12.43 3.94 -1.05
C THR B 120 -12.06 2.48 -0.78
N VAL B 121 -12.83 1.58 -1.39
CA VAL B 121 -12.55 0.16 -1.25
C VAL B 121 -11.27 -0.16 -2.03
N TYR B 122 -11.03 0.58 -3.11
CA TYR B 122 -9.83 0.38 -3.92
C TYR B 122 -8.55 0.54 -3.09
N ARG B 123 -8.53 1.57 -2.24
CA ARG B 123 -7.36 1.84 -1.39
C ARG B 123 -7.21 0.73 -0.37
N GLU B 124 -8.34 0.29 0.19
CA GLU B 124 -8.36 -0.77 1.18
C GLU B 124 -7.79 -2.06 0.58
N LEU B 125 -8.11 -2.30 -0.69
CA LEU B 125 -7.64 -3.49 -1.39
C LEU B 125 -6.13 -3.47 -1.65
N GLN B 126 -5.60 -2.34 -2.12
CA GLN B 126 -4.16 -2.22 -2.38
C GLN B 126 -3.40 -2.41 -1.08
N LYS B 127 -4.02 -1.95 0.00
CA LYS B 127 -3.51 -2.02 1.35
C LYS B 127 -3.45 -3.46 1.89
N LEU B 128 -4.56 -4.17 1.79
CA LEU B 128 -4.66 -5.54 2.29
C LEU B 128 -4.21 -6.58 1.27
N SER B 129 -4.03 -6.14 0.03
CA SER B 129 -3.63 -7.02 -1.07
C SER B 129 -4.82 -7.83 -1.57
N LYS B 130 -5.59 -8.38 -0.64
CA LYS B 130 -6.78 -9.15 -0.96
C LYS B 130 -7.62 -9.25 0.30
N PHE B 131 -8.92 -9.45 0.13
CA PHE B 131 -9.84 -9.55 1.25
C PHE B 131 -10.13 -11.01 1.59
N ASP B 132 -10.49 -11.26 2.85
CA ASP B 132 -10.84 -12.62 3.26
C ASP B 132 -12.29 -12.87 2.85
N GLU B 133 -12.76 -14.08 3.06
CA GLU B 133 -14.12 -14.43 2.67
C GLU B 133 -15.22 -13.62 3.33
N GLN B 134 -15.09 -13.33 4.62
CA GLN B 134 -16.10 -12.57 5.34
C GLN B 134 -16.25 -11.15 4.81
N ARG B 135 -15.12 -10.48 4.63
CA ARG B 135 -15.14 -9.12 4.11
C ARG B 135 -15.75 -9.09 2.71
N THR B 136 -15.31 -10.02 1.86
CA THR B 136 -15.79 -10.11 0.50
C THR B 136 -17.30 -10.39 0.44
N ALA B 137 -17.74 -11.44 1.14
CA ALA B 137 -19.17 -11.79 1.15
C ALA B 137 -20.03 -10.64 1.68
N THR B 138 -19.52 -9.91 2.66
CA THR B 138 -20.26 -8.78 3.22
C THR B 138 -20.40 -7.63 2.20
N TYR B 139 -19.32 -7.34 1.47
CA TYR B 139 -19.38 -6.28 0.44
C TYR B 139 -20.30 -6.68 -0.72
N ILE B 140 -20.20 -7.94 -1.16
CA ILE B 140 -21.05 -8.42 -2.26
C ILE B 140 -22.52 -8.34 -1.83
N THR B 141 -22.80 -8.69 -0.57
CA THR B 141 -24.17 -8.64 -0.05
C THR B 141 -24.67 -7.20 -0.07
N GLU B 142 -23.85 -6.27 0.42
CA GLU B 142 -24.22 -4.85 0.47
C GLU B 142 -24.45 -4.29 -0.94
N LEU B 143 -23.62 -4.73 -1.88
CA LEU B 143 -23.73 -4.28 -3.26
C LEU B 143 -24.93 -4.90 -3.97
N ALA B 144 -25.17 -6.19 -3.76
CA ALA B 144 -26.31 -6.85 -4.39
C ALA B 144 -27.60 -6.25 -3.81
N ASN B 145 -27.57 -5.90 -2.51
CA ASN B 145 -28.73 -5.27 -1.88
C ASN B 145 -29.03 -3.93 -2.56
N ALA B 146 -27.99 -3.10 -2.72
CA ALA B 146 -28.13 -1.79 -3.37
C ALA B 146 -28.59 -1.95 -4.82
N LEU B 147 -28.01 -2.92 -5.51
CA LEU B 147 -28.36 -3.18 -6.91
C LEU B 147 -29.81 -3.64 -7.06
N SER B 148 -30.29 -4.44 -6.12
CA SER B 148 -31.67 -4.92 -6.20
C SER B 148 -32.60 -3.73 -6.05
N TYR B 149 -32.24 -2.80 -5.16
CA TYR B 149 -33.02 -1.60 -4.94
C TYR B 149 -33.06 -0.76 -6.22
N CYS B 150 -31.89 -0.54 -6.84
CA CYS B 150 -31.82 0.24 -8.06
C CYS B 150 -32.53 -0.41 -9.25
N HIS B 151 -32.32 -1.71 -9.42
CA HIS B 151 -32.96 -2.42 -10.53
C HIS B 151 -34.48 -2.35 -10.44
N SER B 152 -35.02 -2.28 -9.24
CA SER B 152 -36.47 -2.20 -9.07
C SER B 152 -36.98 -0.86 -9.60
N LYS B 153 -36.07 0.10 -9.78
CA LYS B 153 -36.40 1.42 -10.28
C LYS B 153 -35.82 1.63 -11.68
N ARG B 154 -35.50 0.52 -12.34
CA ARG B 154 -34.91 0.54 -13.68
C ARG B 154 -33.57 1.27 -13.76
N VAL B 155 -32.94 1.49 -12.62
CA VAL B 155 -31.63 2.14 -12.59
C VAL B 155 -30.60 1.01 -12.69
N ILE B 156 -29.95 0.88 -13.85
CA ILE B 156 -28.98 -0.19 -14.07
C ILE B 156 -27.69 0.25 -14.76
N HIS B 157 -26.86 -0.73 -15.12
CA HIS B 157 -25.60 -0.48 -15.81
C HIS B 157 -24.70 0.43 -14.97
N ARG B 158 -24.28 -0.07 -13.81
CA ARG B 158 -23.45 0.72 -12.90
C ARG B 158 -21.96 0.43 -13.09
N ASP B 159 -21.13 1.38 -12.64
CA ASP B 159 -19.69 1.20 -12.71
C ASP B 159 -19.27 0.95 -11.27
N ILE B 160 -19.29 -0.31 -10.85
CA ILE B 160 -18.97 -0.64 -9.48
C ILE B 160 -17.55 -1.10 -9.17
N LYS B 161 -16.56 -0.64 -9.94
CA LYS B 161 -15.19 -1.05 -9.63
C LYS B 161 -14.81 -0.53 -8.23
N PRO B 162 -13.77 -1.11 -7.62
CA PRO B 162 -13.33 -0.72 -6.27
C PRO B 162 -13.13 0.80 -6.11
N GLU B 163 -12.64 1.46 -7.14
CA GLU B 163 -12.40 2.90 -7.10
C GLU B 163 -13.66 3.73 -6.90
N ASN B 164 -14.81 3.16 -7.26
CA ASN B 164 -16.08 3.88 -7.11
C ASN B 164 -16.87 3.46 -5.88
N LEU B 165 -16.23 2.74 -4.97
CA LEU B 165 -16.89 2.29 -3.77
C LEU B 165 -16.27 2.95 -2.54
N LEU B 166 -17.08 3.66 -1.76
CA LEU B 166 -16.61 4.32 -0.55
C LEU B 166 -17.00 3.53 0.70
N LEU B 167 -16.43 3.91 1.83
CA LEU B 167 -16.70 3.22 3.08
C LEU B 167 -17.17 4.15 4.19
N GLY B 168 -18.26 3.77 4.84
CA GLY B 168 -18.81 4.55 5.93
C GLY B 168 -17.96 4.43 7.19
N SER B 169 -18.43 5.04 8.27
CA SER B 169 -17.69 5.02 9.54
C SER B 169 -17.58 3.63 10.14
N ALA B 170 -18.61 2.81 9.93
CA ALA B 170 -18.62 1.44 10.46
C ALA B 170 -18.09 0.45 9.44
N GLY B 171 -17.53 0.97 8.35
CA GLY B 171 -17.00 0.10 7.31
C GLY B 171 -18.03 -0.38 6.30
N GLU B 172 -19.20 0.23 6.27
CA GLU B 172 -20.25 -0.16 5.32
C GLU B 172 -19.95 0.40 3.94
N LEU B 173 -20.18 -0.44 2.93
CA LEU B 173 -19.95 -0.08 1.54
C LEU B 173 -20.93 1.01 1.08
N LYS B 174 -20.42 1.97 0.32
CA LYS B 174 -21.21 3.06 -0.21
C LYS B 174 -20.88 3.20 -1.70
N ILE B 175 -21.83 2.87 -2.58
CA ILE B 175 -21.55 2.99 -4.01
C ILE B 175 -21.70 4.46 -4.40
N ALA B 176 -20.69 4.99 -5.09
CA ALA B 176 -20.68 6.37 -5.54
C ALA B 176 -20.20 6.41 -6.98
N ASP B 177 -21.06 6.00 -7.90
CA ASP B 177 -20.67 5.97 -9.31
C ASP B 177 -21.45 6.95 -10.17
N PHE B 178 -21.81 8.10 -9.61
CA PHE B 178 -22.55 9.10 -10.37
C PHE B 178 -21.60 10.07 -11.09
N GLY B 179 -21.64 10.00 -12.41
CA GLY B 179 -20.83 10.79 -13.33
C GLY B 179 -19.91 11.96 -12.97
N TRP B 180 -18.98 12.22 -13.88
CA TRP B 180 -18.00 13.30 -13.78
C TRP B 180 -17.03 13.20 -12.61
N SER B 181 -15.88 12.60 -12.88
CA SER B 181 -14.84 12.41 -11.89
C SER B 181 -14.33 13.71 -11.29
N VAL B 182 -14.23 13.73 -9.97
CA VAL B 182 -13.73 14.89 -9.25
C VAL B 182 -12.57 14.45 -8.38
N HIS B 183 -12.05 13.26 -8.68
CA HIS B 183 -10.93 12.70 -7.95
C HIS B 183 -9.93 12.09 -8.93
N ALA B 184 -8.71 11.88 -8.47
CA ALA B 184 -7.67 11.31 -9.32
C ALA B 184 -7.96 9.87 -9.71
N PRO B 185 -7.89 9.56 -11.01
CA PRO B 185 -8.14 8.22 -11.54
C PRO B 185 -6.98 7.28 -11.21
N SER B 186 -7.25 5.98 -11.20
CA SER B 186 -6.21 4.99 -10.91
C SER B 186 -5.54 4.60 -12.24
N SER B 187 -4.56 3.70 -12.17
CA SER B 187 -3.85 3.27 -13.37
C SER B 187 -4.57 2.15 -14.10
N ARG B 188 -5.83 1.93 -13.76
CA ARG B 188 -6.62 0.88 -14.40
C ARG B 188 -6.89 1.25 -15.86
N ARG B 189 -6.74 0.28 -16.76
CA ARG B 189 -6.95 0.50 -18.19
C ARG B 189 -8.39 0.87 -18.54
N THR B 190 -8.53 1.86 -19.42
CA THR B 190 -9.84 2.35 -19.84
C THR B 190 -10.07 2.28 -21.35
N THR B 191 -11.34 2.19 -21.74
CA THR B 191 -11.75 2.11 -23.13
C THR B 191 -12.92 3.06 -23.36
N LEU B 192 -13.38 3.16 -24.61
CA LEU B 192 -14.51 4.03 -24.94
C LEU B 192 -15.79 3.53 -24.29
N CYS B 193 -15.82 2.25 -23.94
CA CYS B 193 -17.01 1.64 -23.34
C CYS B 193 -16.96 1.63 -21.82
N GLY B 194 -15.79 1.97 -21.26
CA GLY B 194 -15.64 1.99 -19.82
C GLY B 194 -14.39 1.24 -19.40
N THR B 195 -14.38 0.78 -18.14
CA THR B 195 -13.23 0.05 -17.62
C THR B 195 -13.08 -1.31 -18.31
N LEU B 196 -11.96 -1.50 -18.98
CA LEU B 196 -11.66 -2.72 -19.73
C LEU B 196 -11.92 -4.02 -18.97
N ASP B 197 -11.26 -4.18 -17.84
CA ASP B 197 -11.38 -5.39 -17.04
C ASP B 197 -12.77 -5.72 -16.50
N TYR B 198 -13.69 -4.76 -16.56
CA TYR B 198 -15.05 -4.99 -16.09
C TYR B 198 -16.08 -5.09 -17.20
N LEU B 199 -15.62 -5.01 -18.44
CA LEU B 199 -16.53 -5.10 -19.58
C LEU B 199 -17.06 -6.52 -19.79
N PRO B 200 -18.38 -6.67 -19.92
CA PRO B 200 -18.99 -7.98 -20.14
C PRO B 200 -18.87 -8.32 -21.63
N PRO B 201 -18.98 -9.62 -21.99
CA PRO B 201 -18.87 -10.03 -23.40
C PRO B 201 -19.80 -9.28 -24.36
N GLU B 202 -21.07 -9.14 -23.97
CA GLU B 202 -22.04 -8.46 -24.81
C GLU B 202 -21.62 -7.05 -25.21
N MET B 203 -20.81 -6.40 -24.37
CA MET B 203 -20.36 -5.05 -24.67
C MET B 203 -19.17 -4.99 -25.63
N ILE B 204 -18.16 -5.83 -25.39
CA ILE B 204 -16.97 -5.81 -26.24
C ILE B 204 -17.18 -6.52 -27.57
N GLU B 205 -18.13 -7.45 -27.61
CA GLU B 205 -18.40 -8.19 -28.83
C GLU B 205 -19.41 -7.50 -29.73
N GLY B 206 -20.05 -6.47 -29.21
CA GLY B 206 -21.01 -5.73 -30.00
C GLY B 206 -22.44 -6.22 -30.01
N ARG B 207 -22.90 -6.76 -28.89
CA ARG B 207 -24.28 -7.22 -28.78
C ARG B 207 -24.96 -6.27 -27.81
N MET B 208 -26.25 -6.47 -27.55
CA MET B 208 -26.95 -5.60 -26.63
C MET B 208 -26.80 -6.08 -25.19
N HIS B 209 -26.92 -5.14 -24.25
CA HIS B 209 -26.76 -5.44 -22.84
C HIS B 209 -27.84 -4.80 -21.98
N ASP B 210 -28.18 -5.46 -20.87
CA ASP B 210 -29.21 -4.98 -19.94
C ASP B 210 -28.75 -5.08 -18.49
N GLU B 211 -29.69 -5.31 -17.58
CA GLU B 211 -29.41 -5.41 -16.14
C GLU B 211 -28.38 -6.49 -15.81
N LYS B 212 -28.33 -7.54 -16.63
CA LYS B 212 -27.40 -8.64 -16.41
C LYS B 212 -25.93 -8.23 -16.44
N VAL B 213 -25.64 -7.05 -16.98
CA VAL B 213 -24.25 -6.59 -17.02
C VAL B 213 -23.76 -6.36 -15.59
N ASP B 214 -24.70 -6.03 -14.69
CA ASP B 214 -24.37 -5.78 -13.29
C ASP B 214 -24.05 -7.08 -12.55
N LEU B 215 -24.58 -8.20 -13.04
CA LEU B 215 -24.31 -9.49 -12.43
C LEU B 215 -22.90 -9.88 -12.84
N TRP B 216 -22.54 -9.57 -14.08
CA TRP B 216 -21.20 -9.87 -14.57
C TRP B 216 -20.20 -9.08 -13.74
N SER B 217 -20.50 -7.79 -13.52
CA SER B 217 -19.62 -6.93 -12.76
C SER B 217 -19.40 -7.45 -11.35
N LEU B 218 -20.47 -7.98 -10.77
CA LEU B 218 -20.41 -8.53 -9.43
C LEU B 218 -19.44 -9.72 -9.38
N GLY B 219 -19.42 -10.50 -10.46
CA GLY B 219 -18.52 -11.64 -10.53
C GLY B 219 -17.07 -11.22 -10.63
N VAL B 220 -16.82 -10.21 -11.46
CA VAL B 220 -15.47 -9.69 -11.64
C VAL B 220 -14.99 -9.13 -10.30
N LEU B 221 -15.88 -8.36 -9.67
CA LEU B 221 -15.57 -7.72 -8.40
C LEU B 221 -15.31 -8.73 -7.29
N CYS B 222 -16.11 -9.79 -7.23
CA CYS B 222 -15.94 -10.80 -6.21
C CYS B 222 -14.56 -11.44 -6.36
N TYR B 223 -14.16 -11.72 -7.61
CA TYR B 223 -12.85 -12.30 -7.91
C TYR B 223 -11.74 -11.32 -7.51
N GLU B 224 -11.88 -10.06 -7.90
CA GLU B 224 -10.86 -9.06 -7.58
C GLU B 224 -10.68 -8.90 -6.07
N PHE B 225 -11.78 -8.95 -5.32
CA PHE B 225 -11.73 -8.85 -3.86
C PHE B 225 -10.96 -10.02 -3.25
N LEU B 226 -11.23 -11.23 -3.73
CA LEU B 226 -10.58 -12.43 -3.19
C LEU B 226 -9.16 -12.68 -3.69
N VAL B 227 -8.86 -12.23 -4.90
CA VAL B 227 -7.56 -12.47 -5.50
C VAL B 227 -6.61 -11.28 -5.49
N GLY B 228 -7.16 -10.07 -5.58
CA GLY B 228 -6.30 -8.89 -5.57
C GLY B 228 -6.27 -8.20 -6.93
N LYS B 229 -6.76 -8.89 -7.95
CA LYS B 229 -6.82 -8.34 -9.29
C LYS B 229 -7.95 -9.03 -10.05
N PRO B 230 -8.53 -8.34 -11.06
CA PRO B 230 -9.63 -8.89 -11.87
C PRO B 230 -9.18 -10.14 -12.62
N PRO B 231 -10.12 -11.07 -12.90
CA PRO B 231 -9.85 -12.33 -13.60
C PRO B 231 -9.29 -12.28 -15.03
N PHE B 232 -9.58 -11.22 -15.77
CA PHE B 232 -9.10 -11.17 -17.14
C PHE B 232 -7.94 -10.22 -17.42
N GLU B 233 -7.31 -9.71 -16.37
CA GLU B 233 -6.19 -8.79 -16.54
C GLU B 233 -5.09 -9.46 -17.36
N ALA B 234 -4.52 -8.72 -18.30
CA ALA B 234 -3.47 -9.23 -19.17
C ALA B 234 -2.47 -8.13 -19.53
N ASN B 235 -1.41 -8.52 -20.22
CA ASN B 235 -0.37 -7.58 -20.62
C ASN B 235 -0.85 -6.57 -21.66
N THR B 236 -1.71 -7.02 -22.56
CA THR B 236 -2.22 -6.14 -23.61
C THR B 236 -3.74 -6.05 -23.57
N TYR B 237 -4.29 -5.07 -24.28
CA TYR B 237 -5.73 -4.90 -24.34
C TYR B 237 -6.34 -6.06 -25.11
N GLN B 238 -5.75 -6.39 -26.26
CA GLN B 238 -6.23 -7.48 -27.11
C GLN B 238 -6.32 -8.82 -26.37
N GLU B 239 -5.35 -9.07 -25.48
CA GLU B 239 -5.34 -10.31 -24.71
C GLU B 239 -6.52 -10.35 -23.74
N THR B 240 -6.77 -9.23 -23.07
CA THR B 240 -7.88 -9.13 -22.12
C THR B 240 -9.20 -9.23 -22.88
N TYR B 241 -9.30 -8.53 -24.00
CA TYR B 241 -10.50 -8.56 -24.82
C TYR B 241 -10.84 -10.00 -25.19
N LYS B 242 -9.83 -10.76 -25.59
CA LYS B 242 -10.04 -12.14 -25.97
C LYS B 242 -10.45 -13.00 -24.79
N ARG B 243 -9.70 -12.91 -23.69
CA ARG B 243 -10.01 -13.68 -22.49
C ARG B 243 -11.46 -13.46 -22.03
N ILE B 244 -11.95 -12.22 -22.16
CA ILE B 244 -13.32 -11.92 -21.76
C ILE B 244 -14.31 -12.59 -22.69
N SER B 245 -14.10 -12.44 -24.00
CA SER B 245 -15.00 -13.03 -24.99
C SER B 245 -15.02 -14.55 -24.90
N ARG B 246 -13.98 -15.15 -24.36
CA ARG B 246 -13.94 -16.61 -24.22
C ARG B 246 -14.10 -17.00 -22.75
N VAL B 247 -14.35 -15.99 -21.91
CA VAL B 247 -14.50 -16.18 -20.47
C VAL B 247 -13.42 -17.13 -19.99
N GLU B 248 -12.18 -16.78 -20.28
CA GLU B 248 -11.03 -17.58 -19.90
C GLU B 248 -10.33 -16.97 -18.70
N PHE B 249 -10.39 -17.69 -17.57
CA PHE B 249 -9.75 -17.22 -16.35
C PHE B 249 -9.49 -18.44 -15.47
N THR B 250 -8.62 -18.28 -14.49
CA THR B 250 -8.30 -19.38 -13.59
C THR B 250 -8.33 -18.89 -12.14
N PHE B 251 -8.65 -19.81 -11.22
CA PHE B 251 -8.70 -19.49 -9.80
C PHE B 251 -7.41 -19.89 -9.10
N PRO B 252 -6.91 -19.04 -8.20
CA PRO B 252 -5.70 -19.41 -7.48
C PRO B 252 -6.11 -20.53 -6.53
N ASP B 253 -5.18 -21.39 -6.15
CA ASP B 253 -5.48 -22.52 -5.26
C ASP B 253 -6.21 -22.15 -3.97
N PHE B 254 -5.95 -20.96 -3.44
CA PHE B 254 -6.57 -20.54 -2.18
C PHE B 254 -8.05 -20.13 -2.25
N VAL B 255 -8.60 -20.01 -3.46
CA VAL B 255 -10.01 -19.64 -3.58
C VAL B 255 -10.86 -20.86 -3.23
N THR B 256 -11.79 -20.69 -2.28
CA THR B 256 -12.63 -21.80 -1.84
C THR B 256 -13.69 -22.22 -2.84
N GLU B 257 -14.16 -23.46 -2.69
CA GLU B 257 -15.16 -24.02 -3.59
C GLU B 257 -16.45 -23.20 -3.68
N GLY B 258 -16.94 -22.72 -2.54
CA GLY B 258 -18.15 -21.91 -2.53
C GLY B 258 -17.99 -20.63 -3.33
N ALA B 259 -16.85 -19.97 -3.19
CA ALA B 259 -16.58 -18.73 -3.93
C ALA B 259 -16.44 -19.06 -5.42
N ARG B 260 -15.78 -20.17 -5.74
CA ARG B 260 -15.62 -20.55 -7.14
C ARG B 260 -16.97 -20.78 -7.77
N ASP B 261 -17.86 -21.43 -7.03
CA ASP B 261 -19.19 -21.68 -7.55
C ASP B 261 -19.91 -20.40 -7.89
N LEU B 262 -19.97 -19.46 -6.95
CA LEU B 262 -20.65 -18.20 -7.17
C LEU B 262 -20.05 -17.40 -8.33
N ILE B 263 -18.73 -17.22 -8.31
CA ILE B 263 -18.06 -16.48 -9.37
C ILE B 263 -18.28 -17.13 -10.73
N SER B 264 -18.22 -18.46 -10.78
CA SER B 264 -18.42 -19.15 -12.05
C SER B 264 -19.84 -18.95 -12.60
N ARG B 265 -20.83 -18.85 -11.71
CA ARG B 265 -22.21 -18.66 -12.14
C ARG B 265 -22.47 -17.23 -12.62
N LEU B 266 -21.75 -16.27 -12.05
CA LEU B 266 -21.90 -14.88 -12.44
C LEU B 266 -21.19 -14.58 -13.75
N LEU B 267 -20.03 -15.21 -13.96
CA LEU B 267 -19.25 -14.96 -15.16
C LEU B 267 -19.62 -15.90 -16.32
N LYS B 268 -20.89 -15.86 -16.72
CA LYS B 268 -21.36 -16.69 -17.83
C LYS B 268 -21.41 -15.77 -19.04
N HIS B 269 -20.97 -16.28 -20.18
CA HIS B 269 -20.96 -15.49 -21.42
C HIS B 269 -22.38 -15.06 -21.77
N ASN B 270 -23.32 -15.99 -21.65
CA ASN B 270 -24.72 -15.73 -21.95
C ASN B 270 -25.37 -14.99 -20.79
N PRO B 271 -25.78 -13.73 -21.00
CA PRO B 271 -26.43 -12.89 -19.98
C PRO B 271 -27.61 -13.57 -19.28
N SER B 272 -28.49 -14.19 -20.07
CA SER B 272 -29.67 -14.86 -19.52
C SER B 272 -29.34 -16.00 -18.59
N GLN B 273 -28.11 -16.50 -18.68
CA GLN B 273 -27.68 -17.61 -17.85
C GLN B 273 -27.14 -17.15 -16.50
N ARG B 274 -26.91 -15.85 -16.34
CA ARG B 274 -26.41 -15.34 -15.05
C ARG B 274 -27.56 -15.33 -14.05
N PRO B 275 -27.25 -15.54 -12.75
CA PRO B 275 -28.34 -15.53 -11.76
C PRO B 275 -28.94 -14.17 -11.50
N MET B 276 -30.10 -14.17 -10.86
CA MET B 276 -30.76 -12.92 -10.49
C MET B 276 -30.10 -12.52 -9.18
N LEU B 277 -30.21 -11.25 -8.78
CA LEU B 277 -29.61 -10.77 -7.54
C LEU B 277 -30.09 -11.57 -6.32
N ARG B 278 -31.34 -11.99 -6.38
CA ARG B 278 -31.98 -12.74 -5.31
C ARG B 278 -31.23 -14.05 -5.08
N GLU B 279 -30.79 -14.68 -6.18
CA GLU B 279 -30.05 -15.94 -6.11
C GLU B 279 -28.67 -15.69 -5.51
N VAL B 280 -28.08 -14.57 -5.85
CA VAL B 280 -26.77 -14.22 -5.32
C VAL B 280 -26.91 -14.04 -3.80
N LEU B 281 -27.93 -13.29 -3.41
CA LEU B 281 -28.18 -13.02 -2.00
C LEU B 281 -28.53 -14.27 -1.19
N GLU B 282 -28.99 -15.31 -1.87
CA GLU B 282 -29.33 -16.57 -1.20
C GLU B 282 -28.21 -17.60 -1.35
N HIS B 283 -27.17 -17.29 -2.13
CA HIS B 283 -26.08 -18.27 -2.32
C HIS B 283 -25.52 -18.65 -0.95
N PRO B 284 -25.34 -19.95 -0.70
CA PRO B 284 -24.81 -20.42 0.59
C PRO B 284 -23.42 -19.93 1.00
N TRP B 285 -22.56 -19.63 0.02
CA TRP B 285 -21.23 -19.11 0.37
C TRP B 285 -21.41 -17.67 0.88
N ILE B 286 -22.34 -16.96 0.27
CA ILE B 286 -22.64 -15.59 0.66
C ILE B 286 -23.25 -15.52 2.07
N THR B 287 -24.32 -16.28 2.30
CA THR B 287 -24.97 -16.25 3.60
C THR B 287 -24.11 -16.82 4.71
N ALA B 288 -23.22 -17.74 4.39
CA ALA B 288 -22.36 -18.33 5.41
C ALA B 288 -21.25 -17.39 5.85
N ASN B 289 -20.80 -16.53 4.94
CA ASN B 289 -19.68 -15.64 5.25
C ASN B 289 -19.97 -14.15 5.47
N SER B 290 -21.11 -13.68 4.96
CA SER B 290 -21.42 -12.25 5.12
C SER B 290 -21.78 -11.91 6.56
N SER B 291 -21.35 -10.74 7.01
CA SER B 291 -21.69 -10.33 8.37
C SER B 291 -22.94 -9.48 8.31
N LYS B 292 -23.45 -9.25 7.11
CA LYS B 292 -24.66 -8.45 6.94
C LYS B 292 -25.73 -9.23 6.22
N PRO B 293 -26.99 -9.00 6.59
CA PRO B 293 -28.15 -9.67 6.01
C PRO B 293 -28.51 -9.28 4.59
N SER B 294 -28.95 -10.27 3.83
CA SER B 294 -29.41 -10.03 2.49
C SER B 294 -30.74 -9.30 2.70
N ASN B 295 -31.05 -8.40 1.79
CA ASN B 295 -32.29 -7.64 1.87
C ASN B 295 -32.70 -7.27 0.44
N CYS B 296 -33.13 -8.27 -0.31
CA CYS B 296 -33.54 -8.07 -1.69
C CYS B 296 -34.81 -7.23 -1.80
N GLN B 297 -34.78 -6.24 -2.70
CA GLN B 297 -35.92 -5.34 -2.91
C GLN B 297 -36.81 -5.83 -4.04
N ASN B 298 -37.78 -5.10 -4.39
#